data_7E5O
#
_entry.id   7E5O
#
_cell.length_a   84.073
_cell.length_b   106.886
_cell.length_c   148.074
_cell.angle_alpha   90.000
_cell.angle_beta   90.000
_cell.angle_gamma   90.000
#
_symmetry.space_group_name_H-M   'P 21 21 21'
#
loop_
_entity.id
_entity.type
_entity.pdbx_description
1 polymer 'NT-193 Heavy chain'
2 polymer 'NT-193 Light chain'
3 polymer 'Spike protein S1'
4 branched 2-acetamido-2-deoxy-beta-D-glucopyranose-(1-4)-2-acetamido-2-deoxy-beta-D-glucopyranose
5 water water
#
loop_
_entity_poly.entity_id
_entity_poly.type
_entity_poly.pdbx_seq_one_letter_code
_entity_poly.pdbx_strand_id
1 'polypeptide(L)'
;EVQLQQWGAGLLKPSETLSLTCAVYGGSFSGYYWSWIRQPPGKGLEWIGEINHSGSTNYNPSLKSRVTISVDTSKNQFSL
KLSSVTAADTAVYYCARGWDLDYYYGMDVWGQGTTVTVSSASTKGPSVFPLAPSSKSTSGGTAALGCLVKDYFPEPVTVS
WNSGALTSGVHTFPAVLQSSGLYSLSSVVTVPSSSLGTQTYICNVNHKPSNTKVDKRVEPKSCDKGSSLEVLFQGPLGHH
HHHH
;
H
2 'polypeptide(L)'
;AIRMTQSPSAMSASVGDRVTVTCRASQGIGNYLAWFQLKPGKVPKRLIYAASSLQSGVPARFSGGGSGTEFTLTISSLQP
EDFATYYCLQHGFLPWTFGQGTKLEIKRTVAAPSVFIFPPSDEQLKSGTASVVCLLNNFYPREAKVQWKVDNALQSGNSQ
ESVTEQDSKDSTYSLSSTLTLSKADYEKHKVYACEVTHQGLSSPVTKSFNRGEC
;
L
3 'polypeptide(L)'
;PTESIVRFPNITNLCPFGEVFNATRFASVYAWNRKRISNCVADYSVLYNSASFSTFKCYGVSPTKLNDLCFTNVYADSFV
IRGDEVRQIAPGQTGKIADYNYKLPDDFTGCVIAWNSNNLDSKVGGNYNYLYRLFRKSNLKPFERDISTEIYQAGSTPCN
GVEGFNCYFPLQSYGFQPTNGVGYQPYRVVVLSFELLHAPATVCGPKKSTNLVKN
;
A
#
# COMPACT_ATOMS: atom_id res chain seq x y z
N GLU A 1 -20.50 4.07 -10.78
CA GLU A 1 -20.27 2.93 -11.68
C GLU A 1 -20.01 1.65 -10.87
N VAL A 2 -18.96 1.67 -10.04
CA VAL A 2 -18.69 0.59 -9.09
C VAL A 2 -18.26 1.23 -7.78
N GLN A 3 -18.91 0.84 -6.67
CA GLN A 3 -18.65 1.44 -5.38
C GLN A 3 -18.45 0.36 -4.33
N LEU A 4 -17.58 0.64 -3.37
CA LEU A 4 -17.30 -0.23 -2.25
C LEU A 4 -17.60 0.51 -0.96
N GLN A 5 -18.42 -0.09 -0.11
CA GLN A 5 -18.80 0.49 1.17
C GLN A 5 -18.39 -0.48 2.26
N GLN A 6 -17.53 -0.04 3.16
CA GLN A 6 -17.02 -0.91 4.23
C GLN A 6 -17.47 -0.38 5.59
N TRP A 7 -17.40 -1.26 6.59
CA TRP A 7 -17.79 -0.87 7.95
C TRP A 7 -17.15 -1.82 8.95
N GLY A 8 -17.21 -1.43 10.20
CA GLY A 8 -16.67 -2.22 11.30
C GLY A 8 -16.17 -1.32 12.41
N ALA A 9 -16.10 -1.90 13.62
CA ALA A 9 -15.60 -1.16 14.78
C ALA A 9 -14.13 -0.85 14.60
N GLY A 10 -13.74 0.38 14.96
CA GLY A 10 -12.36 0.75 14.79
C GLY A 10 -11.59 1.01 16.07
N LEU A 11 -12.32 1.01 17.20
CA LEU A 11 -11.70 1.25 18.53
C LEU A 11 -11.60 -0.08 19.28
N LEU A 12 -10.41 -0.68 19.32
CA LEU A 12 -10.20 -1.96 19.97
C LEU A 12 -9.16 -1.87 21.08
N LYS A 13 -9.29 -2.80 22.10
CA LYS A 13 -8.24 -3.02 23.07
C LYS A 13 -7.28 -4.08 22.53
N PRO A 14 -6.01 -4.07 22.93
CA PRO A 14 -5.11 -5.15 22.51
C PRO A 14 -5.67 -6.52 22.90
N SER A 15 -5.29 -7.53 22.10
CA SER A 15 -5.71 -8.92 22.16
C SER A 15 -7.13 -9.12 21.63
N GLU A 16 -7.84 -8.06 21.23
CA GLU A 16 -9.18 -8.19 20.67
C GLU A 16 -9.06 -8.62 19.20
N THR A 17 -10.19 -8.73 18.50
CA THR A 17 -10.19 -9.15 17.10
C THR A 17 -10.85 -8.10 16.22
N LEU A 18 -10.07 -7.48 15.34
CA LEU A 18 -10.60 -6.56 14.33
C LEU A 18 -11.47 -7.32 13.32
N SER A 19 -12.69 -6.80 13.06
CA SER A 19 -13.61 -7.43 12.11
C SER A 19 -14.22 -6.37 11.22
N LEU A 20 -13.73 -6.25 9.99
CA LEU A 20 -14.25 -5.30 9.01
C LEU A 20 -14.94 -6.03 7.88
N THR A 21 -15.95 -5.38 7.29
CA THR A 21 -16.70 -5.96 6.20
C THR A 21 -16.82 -4.94 5.08
N CYS A 22 -16.71 -5.42 3.83
CA CYS A 22 -16.80 -4.59 2.63
C CYS A 22 -17.92 -5.11 1.74
N ALA A 23 -18.72 -4.19 1.21
CA ALA A 23 -19.84 -4.52 0.33
C ALA A 23 -19.57 -3.95 -1.06
N VAL A 24 -19.78 -4.77 -2.09
CA VAL A 24 -19.54 -4.39 -3.48
C VAL A 24 -20.88 -4.11 -4.14
N TYR A 25 -20.97 -2.96 -4.81
CA TYR A 25 -22.21 -2.60 -5.57
C TYR A 25 -21.83 -2.17 -6.98
N GLY A 26 -21.67 -3.12 -7.92
CA GLY A 26 -21.41 -2.72 -9.31
C GLY A 26 -20.78 -3.81 -10.16
N GLY A 27 -19.44 -3.86 -10.23
CA GLY A 27 -18.76 -4.82 -11.13
C GLY A 27 -18.97 -6.27 -10.77
N SER A 28 -19.02 -7.15 -11.79
CA SER A 28 -19.20 -8.61 -11.56
C SER A 28 -18.36 -9.06 -10.36
N PHE A 29 -19.00 -9.58 -9.32
CA PHE A 29 -18.28 -9.95 -8.12
C PHE A 29 -17.40 -11.19 -8.32
N SER A 30 -17.65 -11.96 -9.38
CA SER A 30 -16.92 -13.21 -9.54
C SER A 30 -15.56 -12.99 -10.19
N GLY A 31 -15.46 -12.05 -11.13
CA GLY A 31 -14.27 -11.97 -11.95
C GLY A 31 -13.10 -11.18 -11.38
N TYR A 32 -12.99 -11.08 -10.05
CA TYR A 32 -12.01 -10.21 -9.40
C TYR A 32 -11.57 -10.82 -8.07
N TYR A 33 -10.34 -10.53 -7.69
CA TYR A 33 -9.93 -10.73 -6.30
C TYR A 33 -10.36 -9.51 -5.48
N TRP A 34 -10.66 -9.75 -4.20
CA TRP A 34 -11.09 -8.68 -3.30
C TRP A 34 -10.12 -8.60 -2.13
N SER A 35 -9.46 -7.45 -1.97
CA SER A 35 -8.28 -7.36 -1.10
C SER A 35 -8.44 -6.31 -0.01
N TRP A 36 -7.57 -6.41 0.99
CA TRP A 36 -7.49 -5.47 2.11
C TRP A 36 -6.11 -4.83 2.14
N ILE A 37 -6.08 -3.50 2.26
CA ILE A 37 -4.84 -2.73 2.37
C ILE A 37 -4.87 -1.94 3.67
N ARG A 38 -3.69 -1.75 4.23
CA ARG A 38 -3.50 -1.11 5.51
C ARG A 38 -2.55 0.06 5.34
N GLN A 39 -2.75 1.12 6.11
CA GLN A 39 -1.81 2.24 6.14
C GLN A 39 -1.65 2.73 7.56
N PRO A 40 -0.57 2.38 8.24
CA PRO A 40 -0.34 2.92 9.59
C PRO A 40 -0.06 4.41 9.52
N PRO A 41 -0.33 5.15 10.61
CA PRO A 41 -0.11 6.60 10.58
C PRO A 41 1.32 6.96 10.22
N GLY A 42 1.49 7.61 9.06
CA GLY A 42 2.79 8.01 8.55
C GLY A 42 3.78 6.88 8.33
N LYS A 43 3.35 5.75 7.76
CA LYS A 43 4.22 4.59 7.61
C LYS A 43 4.04 3.89 6.26
N GLY A 44 3.39 4.53 5.28
CA GLY A 44 3.19 3.90 3.99
C GLY A 44 2.18 2.76 4.02
N LEU A 45 2.01 2.16 2.85
CA LEU A 45 0.96 1.17 2.60
C LEU A 45 1.48 -0.26 2.75
N GLU A 46 0.60 -1.15 3.19
CA GLU A 46 0.92 -2.55 3.40
C GLU A 46 -0.26 -3.39 2.93
N TRP A 47 0.03 -4.42 2.12
CA TRP A 47 -0.98 -5.33 1.60
C TRP A 47 -1.26 -6.45 2.59
N ILE A 48 -2.53 -6.64 2.94
CA ILE A 48 -2.88 -7.59 3.99
C ILE A 48 -3.19 -8.95 3.39
N GLY A 49 -4.18 -9.00 2.50
CA GLY A 49 -4.55 -10.25 1.89
C GLY A 49 -5.68 -10.03 0.93
N GLU A 50 -6.15 -11.13 0.34
CA GLU A 50 -7.17 -11.03 -0.68
C GLU A 50 -7.84 -12.39 -0.84
N ILE A 51 -8.99 -12.38 -1.49
CA ILE A 51 -9.79 -13.58 -1.68
C ILE A 51 -10.55 -13.46 -3.00
N ASN A 52 -10.77 -14.60 -3.66
CA ASN A 52 -11.54 -14.65 -4.89
C ASN A 52 -12.91 -15.29 -4.65
N HIS A 53 -13.75 -15.22 -5.68
CA HIS A 53 -15.10 -15.75 -5.60
C HIS A 53 -15.14 -17.21 -5.16
N SER A 54 -14.07 -17.97 -5.41
CA SER A 54 -14.02 -19.38 -5.04
C SER A 54 -13.48 -19.63 -3.65
N GLY A 55 -13.04 -18.57 -2.95
CA GLY A 55 -12.56 -18.67 -1.59
C GLY A 55 -11.07 -18.81 -1.44
N SER A 56 -10.30 -18.83 -2.53
CA SER A 56 -8.85 -18.88 -2.44
C SER A 56 -8.31 -17.59 -1.84
N THR A 57 -7.40 -17.71 -0.88
CA THR A 57 -6.86 -16.57 -0.16
C THR A 57 -5.35 -16.50 -0.31
N ASN A 58 -4.84 -15.29 -0.50
CA ASN A 58 -3.42 -14.98 -0.37
C ASN A 58 -3.25 -14.03 0.80
N TYR A 59 -2.38 -14.39 1.74
CA TYR A 59 -2.11 -13.55 2.91
C TYR A 59 -0.66 -13.06 2.89
N ASN A 60 -0.45 -11.94 3.57
CA ASN A 60 0.91 -11.42 3.78
C ASN A 60 1.55 -12.17 4.95
N PRO A 61 2.70 -12.83 4.73
CA PRO A 61 3.34 -13.54 5.84
C PRO A 61 3.66 -12.67 7.05
N SER A 62 3.71 -11.34 6.89
CA SER A 62 4.07 -10.47 8.02
C SER A 62 3.11 -10.66 9.19
N LEU A 63 1.86 -10.98 8.85
CA LEU A 63 0.85 -11.30 9.89
C LEU A 63 1.00 -12.80 10.17
N LYS A 64 1.28 -13.17 11.42
CA LYS A 64 1.59 -14.56 11.78
C LYS A 64 0.30 -15.38 11.89
N SER A 65 -0.33 -15.63 10.74
CA SER A 65 -1.55 -16.43 10.68
C SER A 65 -2.67 -15.79 11.51
N ARG A 66 -2.58 -14.49 11.78
CA ARG A 66 -3.62 -13.77 12.51
C ARG A 66 -4.73 -13.30 11.59
N VAL A 67 -4.54 -13.40 10.26
CA VAL A 67 -5.49 -12.89 9.28
C VAL A 67 -6.38 -14.03 8.80
N THR A 68 -7.68 -13.75 8.67
CA THR A 68 -8.65 -14.63 8.04
C THR A 68 -9.53 -13.75 7.17
N ILE A 69 -9.66 -14.10 5.89
CA ILE A 69 -10.48 -13.33 4.97
C ILE A 69 -11.59 -14.23 4.44
N SER A 70 -12.83 -13.77 4.63
CA SER A 70 -13.99 -14.59 4.22
C SER A 70 -14.74 -13.89 3.10
N VAL A 71 -15.61 -14.63 2.40
CA VAL A 71 -16.43 -14.08 1.32
C VAL A 71 -17.84 -14.64 1.44
N ASP A 72 -18.83 -13.78 1.17
CA ASP A 72 -20.24 -14.16 1.12
C ASP A 72 -20.72 -13.90 -0.30
N THR A 73 -20.87 -14.97 -1.08
CA THR A 73 -21.19 -14.79 -2.49
C THR A 73 -22.66 -14.44 -2.72
N SER A 74 -23.52 -14.65 -1.73
CA SER A 74 -24.94 -14.33 -1.87
C SER A 74 -25.27 -12.90 -1.45
N LYS A 75 -24.31 -12.17 -0.88
CA LYS A 75 -24.47 -10.75 -0.55
C LYS A 75 -23.40 -9.89 -1.21
N ASN A 76 -22.49 -10.50 -1.98
CA ASN A 76 -21.41 -9.78 -2.65
C ASN A 76 -20.60 -8.97 -1.64
N GLN A 77 -20.22 -9.62 -0.56
CA GLN A 77 -19.48 -9.01 0.53
C GLN A 77 -18.26 -9.88 0.83
N PHE A 78 -17.25 -9.25 1.42
CA PHE A 78 -16.09 -9.97 1.91
C PHE A 78 -15.58 -9.28 3.17
N SER A 79 -15.05 -10.06 4.11
CA SER A 79 -14.73 -9.56 5.43
C SER A 79 -13.27 -9.82 5.76
N LEU A 80 -12.76 -9.06 6.73
CA LEU A 80 -11.40 -9.19 7.25
C LEU A 80 -11.45 -9.42 8.75
N LYS A 81 -10.76 -10.46 9.22
CA LYS A 81 -10.62 -10.75 10.64
C LYS A 81 -9.14 -10.76 11.01
N LEU A 82 -8.78 -10.00 12.05
CA LEU A 82 -7.40 -9.89 12.51
C LEU A 82 -7.36 -10.12 14.01
N SER A 83 -6.89 -11.29 14.44
CA SER A 83 -6.93 -11.64 15.85
C SER A 83 -5.66 -11.16 16.57
N SER A 84 -5.74 -11.13 17.91
CA SER A 84 -4.61 -10.79 18.78
C SER A 84 -3.98 -9.45 18.37
N VAL A 85 -4.84 -8.44 18.21
CA VAL A 85 -4.38 -7.14 17.77
C VAL A 85 -3.51 -6.50 18.84
N THR A 86 -2.57 -5.68 18.39
CA THR A 86 -1.71 -4.88 19.26
C THR A 86 -1.72 -3.45 18.73
N ALA A 87 -1.11 -2.54 19.50
CA ALA A 87 -1.04 -1.15 19.05
C ALA A 87 -0.34 -1.01 17.69
N ALA A 88 0.46 -2.00 17.29
CA ALA A 88 1.10 -1.99 15.98
C ALA A 88 0.12 -2.13 14.83
N ASP A 89 -1.12 -2.54 15.10
CA ASP A 89 -2.12 -2.69 14.06
C ASP A 89 -2.94 -1.43 13.88
N THR A 90 -2.65 -0.39 14.65
CA THR A 90 -3.30 0.89 14.45
C THR A 90 -2.99 1.42 13.06
N ALA A 91 -4.05 1.61 12.26
CA ALA A 91 -3.91 2.04 10.86
C ALA A 91 -5.27 2.34 10.24
N VAL A 92 -5.27 2.81 9.00
CA VAL A 92 -6.47 2.96 8.21
C VAL A 92 -6.56 1.75 7.28
N TYR A 93 -7.66 1.00 7.38
CA TYR A 93 -7.84 -0.23 6.61
C TYR A 93 -8.80 0.04 5.46
N TYR A 94 -8.33 -0.18 4.23
CA TYR A 94 -9.15 -0.07 3.03
C TYR A 94 -9.45 -1.45 2.47
N CYS A 95 -10.65 -1.60 1.90
CA CYS A 95 -10.96 -2.73 1.03
C CYS A 95 -10.92 -2.23 -0.40
N ALA A 96 -10.57 -3.11 -1.34
CA ALA A 96 -10.37 -2.67 -2.71
C ALA A 96 -10.67 -3.80 -3.68
N ARG A 97 -11.05 -3.42 -4.90
CA ARG A 97 -11.20 -4.38 -5.99
C ARG A 97 -9.81 -4.78 -6.48
N GLY A 98 -9.40 -6.00 -6.17
CA GLY A 98 -8.09 -6.48 -6.59
C GLY A 98 -7.98 -6.89 -8.05
N TRP A 99 -7.23 -7.96 -8.30
CA TRP A 99 -6.86 -8.33 -9.67
C TRP A 99 -7.98 -9.09 -10.37
N ASP A 100 -8.15 -8.81 -11.66
CA ASP A 100 -9.10 -9.56 -12.44
C ASP A 100 -8.51 -10.92 -12.82
N LEU A 101 -9.37 -11.81 -13.31
CA LEU A 101 -8.97 -13.18 -13.65
C LEU A 101 -8.72 -13.36 -15.13
N ASP A 102 -8.58 -12.28 -15.89
CA ASP A 102 -8.25 -12.36 -17.31
C ASP A 102 -6.79 -12.03 -17.57
N TYR A 103 -6.36 -10.82 -17.18
CA TYR A 103 -5.00 -10.36 -17.39
C TYR A 103 -4.32 -9.92 -16.11
N TYR A 104 -5.00 -10.03 -14.96
CA TYR A 104 -4.43 -9.97 -13.62
C TYR A 104 -3.91 -8.60 -13.21
N TYR A 105 -4.60 -7.53 -13.59
CA TYR A 105 -4.32 -6.18 -13.07
C TYR A 105 -5.54 -5.70 -12.28
N GLY A 106 -5.30 -4.81 -11.30
CA GLY A 106 -6.40 -4.36 -10.47
C GLY A 106 -6.12 -3.21 -9.52
N MET A 107 -6.73 -3.24 -8.32
CA MET A 107 -6.72 -2.11 -7.39
C MET A 107 -7.38 -0.88 -8.03
N ASP A 108 -8.51 -1.14 -8.73
CA ASP A 108 -9.30 -0.13 -9.43
C ASP A 108 -10.09 0.75 -8.47
N VAL A 109 -10.94 0.14 -7.65
CA VAL A 109 -11.88 0.85 -6.80
C VAL A 109 -11.52 0.59 -5.34
N TRP A 110 -11.73 1.59 -4.50
CA TRP A 110 -11.35 1.50 -3.09
C TRP A 110 -12.54 1.85 -2.20
N GLY A 111 -12.59 1.21 -1.03
CA GLY A 111 -13.51 1.62 0.00
C GLY A 111 -13.13 2.98 0.59
N GLN A 112 -14.10 3.56 1.31
CA GLN A 112 -13.87 4.86 1.94
C GLN A 112 -12.84 4.77 3.06
N GLY A 113 -12.55 3.58 3.54
CA GLY A 113 -11.56 3.39 4.57
C GLY A 113 -12.19 3.30 5.95
N THR A 114 -11.52 2.59 6.85
CA THR A 114 -11.93 2.53 8.25
C THR A 114 -10.71 2.80 9.11
N THR A 115 -10.82 3.81 9.97
CA THR A 115 -9.75 4.16 10.91
C THR A 115 -9.83 3.21 12.09
N VAL A 116 -8.74 2.47 12.34
CA VAL A 116 -8.69 1.48 13.40
C VAL A 116 -7.57 1.88 14.35
N THR A 117 -7.88 1.96 15.64
CA THR A 117 -6.95 2.40 16.68
C THR A 117 -6.96 1.35 17.77
N VAL A 118 -5.81 0.74 18.05
CA VAL A 118 -5.71 -0.29 19.07
C VAL A 118 -4.95 0.31 20.25
N SER A 119 -5.66 0.50 21.37
CA SER A 119 -5.03 1.09 22.58
C SER A 119 -5.79 0.67 23.85
N SER A 120 -5.05 0.27 24.89
CA SER A 120 -5.66 -0.11 26.16
C SER A 120 -6.00 1.09 27.01
N ALA A 121 -6.03 2.29 26.44
CA ALA A 121 -6.31 3.50 27.18
C ALA A 121 -7.80 3.77 27.24
N SER A 122 -8.22 4.42 28.33
CA SER A 122 -9.61 4.84 28.52
C SER A 122 -9.78 6.29 28.08
N THR A 123 -11.03 6.64 27.77
CA THR A 123 -11.35 7.99 27.31
C THR A 123 -11.00 9.01 28.38
N LYS A 124 -10.22 10.02 28.00
CA LYS A 124 -9.77 11.03 28.94
C LYS A 124 -9.78 12.39 28.27
N GLY A 125 -10.22 13.39 29.01
CA GLY A 125 -10.19 14.75 28.54
C GLY A 125 -8.80 15.35 28.68
N PRO A 126 -8.51 16.33 27.82
CA PRO A 126 -7.20 16.97 27.86
C PRO A 126 -7.08 18.04 28.93
N SER A 127 -5.88 18.16 29.47
CA SER A 127 -5.51 19.33 30.26
C SER A 127 -4.86 20.35 29.33
N VAL A 128 -5.22 21.62 29.51
CA VAL A 128 -4.78 22.70 28.64
C VAL A 128 -3.86 23.62 29.43
N PHE A 129 -2.61 23.73 28.99
CA PHE A 129 -1.66 24.57 29.66
C PHE A 129 -1.23 25.71 28.74
N PRO A 130 -0.97 26.90 29.29
CA PRO A 130 -0.57 28.03 28.44
C PRO A 130 0.90 27.98 28.00
N LEU A 131 1.12 28.43 26.78
CA LEU A 131 2.45 28.76 26.25
C LEU A 131 2.52 30.28 26.15
N ALA A 132 3.08 30.92 27.19
CA ALA A 132 3.08 32.37 27.31
C ALA A 132 4.20 33.01 26.48
N PRO A 133 3.96 34.19 25.91
CA PRO A 133 5.07 34.91 25.26
C PRO A 133 6.07 35.42 26.30
N SER A 134 7.36 35.19 26.04
CA SER A 134 8.42 35.65 26.95
C SER A 134 8.57 37.17 26.87
N SER A 135 9.33 37.69 27.86
CA SER A 135 9.67 39.14 27.89
C SER A 135 10.74 39.33 26.82
N LYS A 136 10.34 39.57 25.58
CA LYS A 136 11.21 39.67 24.42
C LYS A 136 10.37 40.23 23.27
N SER A 137 11.04 40.83 22.28
CA SER A 137 10.33 41.43 21.11
C SER A 137 9.13 42.26 21.58
N GLY A 141 9.05 43.38 17.43
CA GLY A 141 8.59 42.76 16.21
C GLY A 141 7.33 41.92 16.41
N THR A 142 7.48 40.60 16.31
CA THR A 142 6.38 39.65 16.44
C THR A 142 6.67 38.66 17.55
N ALA A 143 5.61 38.26 18.26
CA ALA A 143 5.70 37.35 19.39
C ALA A 143 4.86 36.10 19.11
N ALA A 144 5.04 35.08 19.93
CA ALA A 144 4.33 33.83 19.76
C ALA A 144 3.77 33.37 21.09
N LEU A 145 2.56 32.81 21.04
CA LEU A 145 1.93 32.24 22.25
C LEU A 145 1.12 31.04 21.78
N GLY A 146 0.52 30.29 22.71
CA GLY A 146 -0.31 29.16 22.34
C GLY A 146 -0.76 28.34 23.54
N CYS A 147 -1.26 27.14 23.25
CA CYS A 147 -1.71 26.21 24.29
C CYS A 147 -1.13 24.83 24.04
N LEU A 148 -0.77 24.15 25.12
CA LEU A 148 -0.38 22.75 25.08
C LEU A 148 -1.57 21.92 25.56
N VAL A 149 -2.11 21.09 24.66
CA VAL A 149 -3.27 20.24 24.92
C VAL A 149 -2.73 18.84 25.18
N LYS A 150 -2.64 18.45 26.45
CA LYS A 150 -1.96 17.15 26.75
C LYS A 150 -2.90 16.11 27.39
N ASP A 151 -2.45 14.85 27.50
CA ASP A 151 -3.22 13.79 28.22
C ASP A 151 -4.65 13.58 27.71
N TYR A 152 -4.85 13.32 26.41
CA TYR A 152 -6.24 13.02 25.95
C TYR A 152 -6.32 11.73 25.12
N PHE A 153 -7.46 11.04 25.17
CA PHE A 153 -7.70 9.85 24.34
C PHE A 153 -9.18 9.69 24.12
N PRO A 154 -9.63 9.42 22.89
CA PRO A 154 -8.81 9.28 21.68
C PRO A 154 -8.74 10.60 20.94
N GLU A 155 -8.34 10.56 19.67
CA GLU A 155 -8.45 11.70 18.79
C GLU A 155 -9.90 11.88 18.36
N PRO A 156 -10.30 13.08 17.91
CA PRO A 156 -9.52 14.31 17.76
C PRO A 156 -9.84 15.38 18.83
N VAL A 157 -9.08 16.46 18.80
CA VAL A 157 -9.44 17.69 19.49
C VAL A 157 -9.51 18.79 18.46
N THR A 158 -10.45 19.73 18.70
CA THR A 158 -10.60 20.91 17.82
C THR A 158 -10.19 22.16 18.62
N VAL A 159 -9.27 22.96 18.10
CA VAL A 159 -8.76 24.14 18.79
C VAL A 159 -9.07 25.37 17.93
N SER A 160 -9.76 26.34 18.52
CA SER A 160 -9.95 27.65 17.91
C SER A 160 -9.37 28.74 18.81
N TRP A 161 -9.28 29.95 18.27
CA TRP A 161 -8.70 31.06 19.02
C TRP A 161 -9.71 32.20 19.08
N ASN A 162 -10.00 32.67 20.30
CA ASN A 162 -10.97 33.75 20.52
C ASN A 162 -12.32 33.39 19.89
N SER A 163 -12.73 32.14 20.08
CA SER A 163 -13.97 31.60 19.51
C SER A 163 -14.00 31.77 17.99
N GLY A 164 -12.87 31.44 17.36
CA GLY A 164 -12.72 31.55 15.91
C GLY A 164 -12.62 32.96 15.37
N ALA A 165 -12.44 33.97 16.24
CA ALA A 165 -12.34 35.36 15.76
C ALA A 165 -10.99 35.65 15.11
N LEU A 166 -9.98 34.83 15.43
CA LEU A 166 -8.61 35.02 14.87
C LEU A 166 -8.14 33.70 14.25
N THR A 167 -7.74 33.73 12.97
CA THR A 167 -7.24 32.56 12.28
C THR A 167 -5.87 32.75 11.66
N SER A 168 -5.49 34.01 11.42
CA SER A 168 -4.18 34.32 10.79
C SER A 168 -3.02 33.92 11.70
N GLY A 169 -1.95 33.36 11.14
CA GLY A 169 -0.79 32.97 11.91
C GLY A 169 -0.99 31.79 12.84
N VAL A 170 -2.19 31.21 12.88
CA VAL A 170 -2.44 30.06 13.74
C VAL A 170 -1.76 28.84 13.13
N HIS A 171 -1.23 27.97 13.99
CA HIS A 171 -0.70 26.68 13.58
C HIS A 171 -1.06 25.67 14.66
N THR A 172 -1.96 24.74 14.34
CA THR A 172 -2.31 23.65 15.25
C THR A 172 -1.59 22.40 14.75
N PHE A 173 -0.70 21.86 15.58
CA PHE A 173 0.15 20.75 15.15
C PHE A 173 -0.58 19.41 15.25
N PRO A 174 -0.29 18.48 14.33
CA PRO A 174 -0.89 17.15 14.42
C PRO A 174 -0.52 16.47 15.73
N ALA A 175 -1.49 15.73 16.28
CA ALA A 175 -1.27 15.15 17.59
C ALA A 175 -0.11 14.16 17.54
N VAL A 176 0.47 13.92 18.73
CA VAL A 176 1.63 12.99 18.84
C VAL A 176 1.30 12.02 19.99
N LEU A 177 1.41 10.72 19.73
CA LEU A 177 1.10 9.70 20.73
C LEU A 177 2.27 9.58 21.70
N GLN A 178 2.05 9.99 22.94
CA GLN A 178 3.09 9.89 23.97
C GLN A 178 3.27 8.44 24.38
N SER A 179 4.38 8.19 25.09
CA SER A 179 4.68 6.83 25.52
C SER A 179 3.66 6.30 26.53
N SER A 180 2.84 7.17 27.12
CA SER A 180 1.84 6.73 28.08
C SER A 180 0.58 6.21 27.42
N GLY A 181 0.46 6.33 26.11
CA GLY A 181 -0.74 5.95 25.41
C GLY A 181 -1.75 7.08 25.22
N LEU A 182 -1.50 8.25 25.81
CA LEU A 182 -2.33 9.42 25.62
C LEU A 182 -1.75 10.32 24.53
N TYR A 183 -2.61 11.14 23.93
CA TYR A 183 -2.21 12.06 22.87
C TYR A 183 -1.85 13.44 23.44
N SER A 184 -1.03 14.16 22.68
CA SER A 184 -0.53 15.50 23.03
C SER A 184 -0.44 16.36 21.79
N LEU A 185 -0.88 17.60 21.90
CA LEU A 185 -0.96 18.50 20.76
C LEU A 185 -0.61 19.91 21.22
N SER A 186 -0.26 20.77 20.27
CA SER A 186 0.08 22.18 20.60
C SER A 186 -0.46 23.12 19.52
N SER A 187 -1.15 24.19 19.91
CA SER A 187 -1.64 25.18 18.96
C SER A 187 -0.98 26.52 19.29
N VAL A 188 -0.60 27.24 18.24
CA VAL A 188 0.34 28.33 18.34
C VAL A 188 -0.16 29.47 17.47
N VAL A 189 0.06 30.72 17.93
CA VAL A 189 -0.23 31.89 17.12
C VAL A 189 0.98 32.82 17.15
N THR A 190 1.31 33.39 16.00
CA THR A 190 2.20 34.52 15.96
C THR A 190 1.36 35.78 15.90
N VAL A 191 1.60 36.70 16.85
CA VAL A 191 0.88 37.96 16.89
C VAL A 191 1.86 39.09 17.11
N PRO A 192 1.51 40.29 16.64
CA PRO A 192 2.37 41.46 16.87
C PRO A 192 2.61 41.67 18.36
N SER A 193 3.88 41.82 18.72
CA SER A 193 4.27 41.95 20.11
C SER A 193 3.80 43.25 20.75
N SER A 194 3.23 44.16 19.94
CA SER A 194 2.66 45.41 20.49
C SER A 194 1.20 45.15 20.90
N SER A 195 0.72 43.92 20.71
CA SER A 195 -0.70 43.60 21.04
C SER A 195 -0.77 42.72 22.29
N LEU A 196 0.31 42.67 23.10
CA LEU A 196 0.28 41.80 24.26
C LEU A 196 -0.50 42.39 25.42
N GLY A 197 -0.56 43.72 25.53
CA GLY A 197 -1.28 44.34 26.62
C GLY A 197 -2.69 44.76 26.29
N THR A 198 -2.99 44.93 24.99
CA THR A 198 -4.34 45.42 24.59
C THR A 198 -5.27 44.28 24.17
N GLN A 199 -4.77 43.33 23.37
CA GLN A 199 -5.62 42.26 22.86
C GLN A 199 -5.57 41.04 23.77
N THR A 200 -6.72 40.37 23.86
CA THR A 200 -6.89 39.16 24.67
C THR A 200 -6.80 37.94 23.77
N TYR A 201 -6.10 36.90 24.24
CA TYR A 201 -5.93 35.66 23.48
C TYR A 201 -6.38 34.47 24.33
N ILE A 202 -7.39 33.75 23.79
CA ILE A 202 -8.01 32.63 24.56
C ILE A 202 -8.17 31.34 23.75
N CYS A 203 -7.72 30.24 24.34
CA CYS A 203 -7.84 28.92 23.67
C CYS A 203 -9.25 28.37 23.82
N ASN A 204 -9.73 27.76 22.75
CA ASN A 204 -11.02 27.06 22.77
C ASN A 204 -10.74 25.63 22.34
N VAL A 205 -10.63 24.75 23.32
CA VAL A 205 -10.27 23.35 23.10
C VAL A 205 -11.51 22.50 23.36
N ASN A 206 -11.86 21.67 22.38
CA ASN A 206 -13.04 20.81 22.47
C ASN A 206 -12.62 19.37 22.24
N HIS A 207 -13.09 18.47 23.10
CA HIS A 207 -12.81 17.03 22.98
C HIS A 207 -14.15 16.30 23.09
N LYS A 208 -14.78 16.06 21.94
CA LYS A 208 -16.11 15.47 21.97
C LYS A 208 -16.19 14.10 22.65
N PRO A 209 -15.22 13.18 22.49
CA PRO A 209 -15.36 11.85 23.14
C PRO A 209 -15.61 11.91 24.64
N SER A 210 -14.95 12.82 25.35
CA SER A 210 -15.15 12.96 26.79
C SER A 210 -16.12 14.08 27.14
N ASN A 211 -16.65 14.77 26.13
CA ASN A 211 -17.58 15.86 26.33
C ASN A 211 -16.95 17.02 27.10
N THR A 212 -15.71 17.33 26.75
CA THR A 212 -14.85 18.25 27.50
C THR A 212 -14.63 19.52 26.70
N LYS A 213 -14.86 20.67 27.33
CA LYS A 213 -14.53 21.98 26.76
C LYS A 213 -13.63 22.71 27.74
N VAL A 214 -12.53 23.26 27.25
CA VAL A 214 -11.64 24.05 28.09
C VAL A 214 -11.33 25.36 27.38
N ASP A 215 -11.65 26.47 28.03
CA ASP A 215 -11.25 27.80 27.58
C ASP A 215 -10.10 28.26 28.45
N LYS A 216 -9.00 28.69 27.82
CA LYS A 216 -7.82 29.10 28.59
C LYS A 216 -7.27 30.42 28.06
N ARG A 217 -7.19 31.43 28.93
CA ARG A 217 -6.60 32.72 28.60
C ARG A 217 -5.08 32.63 28.64
N VAL A 218 -4.42 33.13 27.59
CA VAL A 218 -2.96 33.05 27.44
C VAL A 218 -2.39 34.46 27.56
N GLU A 219 -1.64 34.71 28.63
CA GLU A 219 -1.11 36.04 28.91
C GLU A 219 0.37 35.96 29.24
N PRO A 220 1.08 37.09 29.17
CA PRO A 220 2.49 37.10 29.60
C PRO A 220 2.62 36.89 31.10
N LYS A 221 3.59 36.06 31.47
CA LYS A 221 3.80 35.72 32.88
C LYS A 221 4.50 36.87 33.58
N SER A 222 3.93 37.34 34.69
CA SER A 222 4.48 38.49 35.40
C SER A 222 5.74 38.10 36.18
N CYS A 223 6.71 39.01 36.21
CA CYS A 223 7.95 38.77 36.94
C CYS A 223 7.83 39.28 38.38
N ALA B 1 8.91 -10.42 0.37
CA ALA B 1 10.31 -10.78 0.16
C ALA B 1 10.95 -9.79 -0.81
N ILE B 2 10.17 -9.34 -1.78
CA ILE B 2 10.66 -8.49 -2.86
C ILE B 2 10.74 -7.05 -2.35
N ARG B 3 11.93 -6.46 -2.41
CA ARG B 3 12.17 -5.08 -2.01
C ARG B 3 11.83 -4.15 -3.16
N MET B 4 11.04 -3.13 -2.89
CA MET B 4 10.70 -2.10 -3.86
C MET B 4 11.30 -0.78 -3.38
N THR B 5 12.44 -0.39 -3.95
CA THR B 5 13.10 0.85 -3.56
C THR B 5 12.56 2.00 -4.41
N GLN B 6 11.97 2.99 -3.75
CA GLN B 6 11.36 4.14 -4.41
C GLN B 6 12.20 5.38 -4.13
N SER B 7 12.59 6.09 -5.19
CA SER B 7 13.48 7.25 -5.08
C SER B 7 12.96 8.42 -5.90
N PRO B 8 13.13 9.66 -5.40
CA PRO B 8 13.67 9.94 -4.07
C PRO B 8 12.59 9.80 -3.00
N SER B 9 12.98 9.84 -1.73
CA SER B 9 11.98 9.79 -0.65
C SER B 9 11.03 10.98 -0.74
N ALA B 10 11.57 12.17 -0.98
CA ALA B 10 10.79 13.38 -1.12
C ALA B 10 11.49 14.28 -2.12
N MET B 11 10.71 15.14 -2.78
CA MET B 11 11.27 16.03 -3.78
C MET B 11 10.37 17.23 -3.93
N SER B 12 11.01 18.36 -4.23
CA SER B 12 10.34 19.63 -4.38
C SER B 12 10.27 19.99 -5.86
N ALA B 13 9.20 20.67 -6.23
CA ALA B 13 9.01 21.10 -7.60
C ALA B 13 8.01 22.24 -7.62
N SER B 14 7.87 22.82 -8.81
CA SER B 14 6.91 23.94 -8.97
C SER B 14 5.95 23.59 -10.10
N VAL B 15 4.84 24.30 -10.18
CA VAL B 15 3.85 24.09 -11.23
C VAL B 15 4.51 24.29 -12.59
N GLY B 16 4.27 23.34 -13.50
CA GLY B 16 4.78 23.39 -14.84
C GLY B 16 6.06 22.60 -15.06
N ASP B 17 6.69 22.11 -14.01
CA ASP B 17 7.91 21.33 -14.14
C ASP B 17 7.59 19.92 -14.61
N ARG B 18 8.62 19.24 -15.12
CA ARG B 18 8.52 17.83 -15.50
C ARG B 18 9.12 16.99 -14.39
N VAL B 19 8.36 16.00 -13.91
CA VAL B 19 8.69 15.24 -12.72
C VAL B 19 8.66 13.75 -13.05
N THR B 20 9.71 13.04 -12.64
CA THR B 20 9.75 11.59 -12.74
C THR B 20 10.16 10.99 -11.41
N VAL B 21 9.34 10.08 -10.90
CA VAL B 21 9.72 9.26 -9.75
C VAL B 21 10.08 7.88 -10.28
N THR B 22 10.99 7.21 -9.61
CA THR B 22 11.47 5.90 -10.05
C THR B 22 11.18 4.87 -8.95
N CYS B 23 10.84 3.66 -9.38
CA CYS B 23 10.64 2.49 -8.51
C CYS B 23 11.50 1.34 -9.03
N ARG B 24 12.40 0.85 -8.19
CA ARG B 24 13.36 -0.19 -8.56
C ARG B 24 13.00 -1.49 -7.86
N ALA B 25 12.81 -2.55 -8.64
CA ALA B 25 12.39 -3.84 -8.09
C ALA B 25 13.56 -4.76 -7.80
N SER B 26 13.44 -5.50 -6.71
CA SER B 26 14.48 -6.43 -6.27
C SER B 26 14.66 -7.58 -7.26
N GLN B 27 13.55 -8.11 -7.80
CA GLN B 27 13.57 -9.14 -8.84
C GLN B 27 12.78 -8.64 -10.04
N GLY B 28 12.86 -9.37 -11.15
CA GLY B 28 12.08 -9.02 -12.32
C GLY B 28 10.60 -9.30 -12.16
N ILE B 29 9.79 -8.23 -12.06
CA ILE B 29 8.35 -8.36 -11.91
C ILE B 29 7.61 -8.15 -13.23
N GLY B 30 8.35 -8.19 -14.34
CA GLY B 30 7.70 -8.06 -15.67
C GLY B 30 6.80 -6.84 -15.79
N ASN B 31 5.49 -7.04 -15.95
CA ASN B 31 4.57 -5.90 -16.20
C ASN B 31 3.59 -5.71 -15.03
N TYR B 32 3.93 -6.18 -13.83
CA TYR B 32 2.97 -6.08 -12.73
C TYR B 32 3.40 -4.97 -11.79
N LEU B 33 3.27 -3.74 -12.29
CA LEU B 33 3.67 -2.55 -11.48
C LEU B 33 2.54 -1.51 -11.52
N ALA B 34 2.01 -1.13 -10.36
CA ALA B 34 0.98 -0.11 -10.26
C ALA B 34 1.52 1.12 -9.54
N TRP B 35 0.99 2.28 -9.92
CA TRP B 35 1.28 3.55 -9.29
C TRP B 35 0.00 4.12 -8.68
N PHE B 36 0.08 4.60 -7.44
CA PHE B 36 -1.07 5.17 -6.74
C PHE B 36 -0.73 6.57 -6.22
N GLN B 37 -1.72 7.47 -6.29
CA GLN B 37 -1.64 8.78 -5.69
C GLN B 37 -2.31 8.75 -4.32
N LEU B 38 -1.74 9.52 -3.38
CA LEU B 38 -2.26 9.51 -1.98
C LEU B 38 -2.16 10.91 -1.36
N LYS B 39 -3.30 11.51 -1.02
CA LYS B 39 -3.38 12.81 -0.39
C LYS B 39 -3.94 12.68 1.02
N PRO B 40 -3.56 13.57 1.94
CA PRO B 40 -4.13 13.51 3.28
C PRO B 40 -5.66 13.59 3.24
N GLY B 41 -6.30 12.63 3.91
CA GLY B 41 -7.74 12.60 4.04
C GLY B 41 -8.49 11.99 2.88
N LYS B 42 -7.84 11.81 1.74
CA LYS B 42 -8.50 11.32 0.54
C LYS B 42 -8.19 9.85 0.34
N VAL B 43 -9.14 9.13 -0.24
CA VAL B 43 -8.92 7.72 -0.51
C VAL B 43 -7.87 7.56 -1.61
N PRO B 44 -6.97 6.58 -1.53
CA PRO B 44 -5.97 6.41 -2.60
C PRO B 44 -6.63 6.04 -3.92
N LYS B 45 -6.10 6.61 -5.00
CA LYS B 45 -6.59 6.33 -6.34
C LYS B 45 -5.47 5.77 -7.20
N ARG B 46 -5.81 4.83 -8.07
CA ARG B 46 -4.84 4.25 -8.98
C ARG B 46 -4.55 5.23 -10.12
N LEU B 47 -3.28 5.34 -10.48
CA LEU B 47 -2.86 6.18 -11.60
C LEU B 47 -2.44 5.35 -12.80
N ILE B 48 -1.52 4.40 -12.59
CA ILE B 48 -0.98 3.59 -13.67
C ILE B 48 -1.14 2.14 -13.28
N TYR B 49 -1.61 1.32 -14.22
CA TYR B 49 -1.61 -0.12 -14.08
C TYR B 49 -0.81 -0.72 -15.22
N ALA B 50 -0.26 -1.91 -14.99
CA ALA B 50 0.58 -2.59 -15.99
C ALA B 50 1.73 -1.69 -16.46
N ALA B 51 2.34 -0.98 -15.51
CA ALA B 51 3.57 -0.23 -15.74
C ALA B 51 3.36 1.00 -16.61
N SER B 52 2.57 0.87 -17.67
CA SER B 52 2.45 1.92 -18.68
C SER B 52 1.02 2.34 -18.97
N SER B 53 0.01 1.63 -18.49
CA SER B 53 -1.35 1.92 -18.90
C SER B 53 -1.99 2.93 -17.96
N LEU B 54 -2.73 3.86 -18.56
CA LEU B 54 -3.29 4.98 -17.78
C LEU B 54 -4.72 4.70 -17.32
N GLN B 55 -4.96 4.77 -16.02
CA GLN B 55 -6.29 4.62 -15.46
C GLN B 55 -7.25 5.63 -16.09
N SER B 56 -8.46 5.17 -16.41
CA SER B 56 -9.45 6.06 -16.99
C SER B 56 -9.77 7.21 -16.04
N GLY B 57 -9.96 8.41 -16.60
CA GLY B 57 -10.19 9.59 -15.80
C GLY B 57 -8.95 10.29 -15.30
N VAL B 58 -7.78 9.65 -15.40
CA VAL B 58 -6.53 10.30 -15.01
C VAL B 58 -6.01 11.15 -16.17
N PRO B 59 -5.62 12.40 -15.93
CA PRO B 59 -5.23 13.29 -17.04
C PRO B 59 -4.04 12.75 -17.83
N ALA B 60 -3.90 13.28 -19.06
CA ALA B 60 -2.90 12.76 -19.98
C ALA B 60 -1.47 13.11 -19.58
N ARG B 61 -1.28 14.08 -18.68
CA ARG B 61 0.07 14.45 -18.26
C ARG B 61 0.75 13.31 -17.49
N PHE B 62 -0.01 12.34 -16.99
CA PHE B 62 0.55 11.21 -16.27
C PHE B 62 0.96 10.11 -17.23
N SER B 63 2.24 9.72 -17.11
CA SER B 63 2.79 8.67 -18.01
C SER B 63 3.48 7.62 -17.16
N GLY B 64 3.72 6.44 -17.71
CA GLY B 64 4.33 5.34 -17.00
C GLY B 64 5.07 4.46 -17.97
N GLY B 65 6.07 3.76 -17.43
CA GLY B 65 6.83 2.82 -18.21
C GLY B 65 7.75 2.03 -17.31
N GLY B 66 8.26 0.92 -17.86
CA GLY B 66 9.09 0.03 -17.06
C GLY B 66 9.91 -0.89 -17.92
N SER B 67 10.85 -1.56 -17.25
CA SER B 67 11.71 -2.55 -17.91
C SER B 67 11.56 -3.96 -17.35
N GLY B 68 10.67 -4.18 -16.40
CA GLY B 68 10.67 -5.37 -15.59
C GLY B 68 11.39 -5.22 -14.27
N THR B 69 12.36 -4.31 -14.20
CA THR B 69 13.17 -4.14 -13.01
C THR B 69 13.32 -2.68 -12.58
N GLU B 70 13.18 -1.71 -13.49
CA GLU B 70 13.27 -0.29 -13.17
C GLU B 70 12.04 0.39 -13.79
N PHE B 71 11.25 1.06 -12.96
CA PHE B 71 9.99 1.63 -13.40
C PHE B 71 9.97 3.13 -13.14
N THR B 72 9.15 3.85 -13.92
CA THR B 72 9.17 5.34 -13.83
C THR B 72 7.80 5.99 -14.08
N LEU B 73 7.30 6.76 -13.12
CA LEU B 73 6.08 7.57 -13.25
C LEU B 73 6.47 9.00 -13.54
N THR B 74 5.87 9.58 -14.58
CA THR B 74 6.25 10.90 -15.07
C THR B 74 5.04 11.80 -15.20
N ILE B 75 5.16 13.02 -14.68
CA ILE B 75 4.18 14.08 -14.91
C ILE B 75 4.83 15.11 -15.82
N SER B 76 4.22 15.35 -16.98
CA SER B 76 4.79 16.28 -17.94
C SER B 76 4.72 17.72 -17.44
N SER B 77 3.51 18.30 -17.39
CA SER B 77 3.30 19.67 -16.92
C SER B 77 2.60 19.58 -15.57
N LEU B 78 3.37 19.75 -14.50
CA LEU B 78 2.84 19.59 -13.15
C LEU B 78 1.73 20.60 -12.87
N GLN B 79 0.68 20.16 -12.18
CA GLN B 79 -0.46 20.98 -11.83
C GLN B 79 -0.61 21.03 -10.31
N PRO B 80 -1.33 22.01 -9.77
CA PRO B 80 -1.53 22.07 -8.31
C PRO B 80 -2.14 20.80 -7.72
N GLU B 81 -3.03 20.14 -8.48
CA GLU B 81 -3.75 18.95 -7.96
C GLU B 81 -2.86 17.70 -8.01
N ASP B 82 -1.56 17.84 -8.30
CA ASP B 82 -0.67 16.69 -8.27
C ASP B 82 0.31 16.69 -7.09
N PHE B 83 0.24 17.65 -6.18
CA PHE B 83 1.13 17.67 -5.03
C PHE B 83 0.62 16.69 -3.98
N ALA B 84 1.19 15.49 -3.97
CA ALA B 84 0.72 14.41 -3.11
C ALA B 84 1.88 13.45 -2.87
N THR B 85 1.57 12.27 -2.35
CA THR B 85 2.55 11.21 -2.14
C THR B 85 2.23 10.06 -3.08
N TYR B 86 3.25 9.57 -3.79
CA TYR B 86 3.07 8.56 -4.82
C TYR B 86 3.71 7.26 -4.37
N TYR B 87 2.98 6.15 -4.53
CA TYR B 87 3.45 4.82 -4.15
C TYR B 87 3.40 3.89 -5.37
N CYS B 88 4.39 3.02 -5.48
CA CYS B 88 4.39 1.93 -6.44
C CYS B 88 4.06 0.62 -5.75
N LEU B 89 3.46 -0.30 -6.50
CA LEU B 89 3.11 -1.62 -5.99
C LEU B 89 3.47 -2.68 -7.02
N GLN B 90 4.28 -3.66 -6.63
CA GLN B 90 4.51 -4.82 -7.46
C GLN B 90 3.51 -5.91 -7.11
N HIS B 91 2.98 -6.57 -8.15
CA HIS B 91 2.23 -7.82 -7.98
C HIS B 91 2.77 -8.89 -8.92
N GLY B 92 4.10 -9.05 -8.92
CA GLY B 92 4.73 -10.08 -9.72
C GLY B 92 4.89 -11.38 -8.99
N PHE B 93 5.11 -11.31 -7.67
CA PHE B 93 5.33 -12.49 -6.84
C PHE B 93 4.79 -12.22 -5.45
N LEU B 94 4.11 -13.22 -4.88
CA LEU B 94 3.59 -13.09 -3.53
C LEU B 94 4.75 -13.09 -2.53
N PRO B 95 4.67 -12.26 -1.47
CA PRO B 95 3.60 -11.30 -1.18
C PRO B 95 3.71 -10.02 -1.96
N TRP B 96 2.59 -9.37 -2.28
CA TRP B 96 2.64 -8.06 -2.93
C TRP B 96 3.29 -7.05 -1.98
N THR B 97 4.17 -6.21 -2.53
CA THR B 97 4.94 -5.28 -1.71
C THR B 97 4.89 -3.88 -2.31
N PHE B 98 4.85 -2.87 -1.43
CA PHE B 98 4.77 -1.47 -1.82
C PHE B 98 6.13 -0.80 -1.71
N GLY B 99 6.22 0.40 -2.28
CA GLY B 99 7.37 1.26 -2.03
C GLY B 99 7.15 2.12 -0.79
N GLN B 100 8.24 2.78 -0.36
CA GLN B 100 8.17 3.65 0.81
C GLN B 100 7.49 4.98 0.51
N GLY B 101 7.34 5.32 -0.76
CA GLY B 101 6.64 6.51 -1.20
C GLY B 101 7.60 7.59 -1.70
N THR B 102 7.05 8.53 -2.46
CA THR B 102 7.77 9.72 -2.90
C THR B 102 6.85 10.92 -2.71
N LYS B 103 7.16 11.77 -1.73
CA LYS B 103 6.31 12.91 -1.43
C LYS B 103 6.68 14.09 -2.33
N LEU B 104 5.68 14.65 -2.99
CA LEU B 104 5.86 15.70 -3.97
C LEU B 104 5.36 17.00 -3.34
N GLU B 105 6.29 17.89 -2.97
CA GLU B 105 6.01 19.11 -2.26
C GLU B 105 6.35 20.34 -3.12
N ILE B 106 5.78 21.48 -2.72
CA ILE B 106 5.90 22.71 -3.48
C ILE B 106 7.24 23.38 -3.23
N LYS B 107 7.90 23.79 -4.30
CA LYS B 107 9.18 24.49 -4.18
C LYS B 107 8.94 25.97 -3.97
N ARG B 108 9.70 26.56 -3.04
CA ARG B 108 9.76 28.01 -2.88
C ARG B 108 11.17 28.36 -2.40
N THR B 109 11.39 29.66 -2.17
CA THR B 109 12.71 30.13 -1.75
C THR B 109 13.00 29.70 -0.31
N VAL B 110 14.28 29.79 0.06
CA VAL B 110 14.69 29.41 1.41
C VAL B 110 14.16 30.42 2.41
N ALA B 111 13.68 29.93 3.55
CA ALA B 111 13.07 30.78 4.57
C ALA B 111 13.56 30.32 5.94
N ALA B 112 14.33 31.15 6.60
CA ALA B 112 14.79 30.80 7.93
C ALA B 112 13.61 30.73 8.90
N PRO B 113 13.62 29.79 9.84
CA PRO B 113 12.54 29.73 10.82
C PRO B 113 12.66 30.84 11.86
N SER B 114 11.52 31.12 12.48
CA SER B 114 11.45 31.94 13.68
C SER B 114 11.35 30.98 14.86
N VAL B 115 12.26 31.10 15.81
CA VAL B 115 12.32 30.15 16.91
C VAL B 115 11.81 30.81 18.18
N PHE B 116 11.05 30.06 18.96
CA PHE B 116 10.51 30.51 20.23
C PHE B 116 10.60 29.35 21.21
N ILE B 117 10.84 29.68 22.49
CA ILE B 117 10.93 28.67 23.53
C ILE B 117 9.92 29.01 24.62
N PHE B 118 9.32 27.97 25.20
CA PHE B 118 8.23 28.13 26.17
C PHE B 118 8.50 27.29 27.40
N PRO B 119 8.69 27.90 28.56
CA PRO B 119 8.87 27.13 29.79
C PRO B 119 7.57 26.48 30.21
N PRO B 120 7.62 25.55 31.16
CA PRO B 120 6.39 24.92 31.61
C PRO B 120 5.65 25.82 32.59
N SER B 121 4.32 25.84 32.45
CA SER B 121 3.48 26.66 33.30
C SER B 121 3.52 26.17 34.75
N ASP B 122 3.32 27.10 35.69
CA ASP B 122 3.25 26.71 37.09
C ASP B 122 2.10 25.73 37.32
N GLU B 123 1.01 25.89 36.57
CA GLU B 123 -0.14 25.00 36.76
C GLU B 123 0.23 23.56 36.43
N GLN B 124 0.99 23.36 35.35
CA GLN B 124 1.42 22.01 35.01
C GLN B 124 2.42 21.46 36.03
N LEU B 125 3.30 22.31 36.55
CA LEU B 125 4.25 21.86 37.55
C LEU B 125 3.55 21.33 38.80
N LYS B 126 2.40 21.91 39.15
CA LYS B 126 1.65 21.43 40.30
C LYS B 126 1.23 19.97 40.11
N SER B 127 0.90 19.58 38.87
CA SER B 127 0.54 18.20 38.57
C SER B 127 1.72 17.25 38.67
N GLY B 128 2.96 17.75 38.54
CA GLY B 128 4.15 16.94 38.71
C GLY B 128 4.92 16.60 37.45
N THR B 129 4.54 17.14 36.28
CA THR B 129 5.27 16.92 35.05
C THR B 129 5.51 18.27 34.36
N ALA B 130 6.70 18.43 33.79
CA ALA B 130 7.09 19.65 33.10
C ALA B 130 7.22 19.41 31.61
N SER B 131 6.71 20.36 30.81
CA SER B 131 6.76 20.29 29.36
C SER B 131 7.40 21.56 28.84
N VAL B 132 8.54 21.43 28.18
CA VAL B 132 9.23 22.55 27.53
C VAL B 132 9.00 22.43 26.03
N VAL B 133 8.47 23.50 25.44
CA VAL B 133 8.06 23.48 24.04
C VAL B 133 8.92 24.45 23.25
N CYS B 134 9.53 23.96 22.16
CA CYS B 134 10.27 24.79 21.23
C CYS B 134 9.52 24.83 19.90
N LEU B 135 9.43 26.02 19.31
CA LEU B 135 8.61 26.24 18.12
C LEU B 135 9.45 26.83 17.00
N LEU B 136 9.44 26.15 15.85
CA LEU B 136 10.06 26.64 14.62
C LEU B 136 8.93 27.04 13.68
N ASN B 137 8.94 28.29 13.19
CA ASN B 137 7.80 28.76 12.36
C ASN B 137 8.25 29.29 11.00
N ASN B 138 7.40 29.18 9.96
CA ASN B 138 7.69 29.77 8.62
C ASN B 138 9.03 29.36 8.00
N PHE B 139 9.31 28.05 7.87
CA PHE B 139 10.55 27.63 7.16
C PHE B 139 10.21 26.76 5.93
N TYR B 140 10.80 27.03 4.77
CA TYR B 140 10.58 26.14 3.58
C TYR B 140 11.36 24.81 3.62
N PRO B 141 12.69 24.73 3.91
CA PRO B 141 13.37 23.44 3.88
C PRO B 141 12.90 22.53 5.04
N ARG B 142 12.41 21.32 4.72
CA ARG B 142 11.84 20.49 5.82
C ARG B 142 13.01 20.11 6.73
N GLU B 143 14.22 20.07 6.18
CA GLU B 143 15.37 19.66 6.96
C GLU B 143 15.65 20.66 8.09
N ALA B 144 15.45 20.22 9.32
CA ALA B 144 15.66 21.05 10.50
C ALA B 144 16.10 20.15 11.63
N LYS B 145 17.18 20.52 12.31
CA LYS B 145 17.73 19.76 13.43
C LYS B 145 17.49 20.58 14.69
N VAL B 146 16.70 20.04 15.60
CA VAL B 146 16.43 20.66 16.89
C VAL B 146 17.14 19.85 17.96
N GLN B 147 17.99 20.50 18.76
CA GLN B 147 18.72 19.85 19.84
C GLN B 147 18.41 20.55 21.16
N TRP B 148 18.06 19.76 22.16
CA TRP B 148 17.81 20.25 23.52
C TRP B 148 19.11 20.21 24.32
N LYS B 149 19.43 21.31 24.99
CA LYS B 149 20.55 21.37 25.92
C LYS B 149 20.01 21.73 27.29
N VAL B 150 20.20 20.83 28.26
CA VAL B 150 19.86 21.09 29.65
C VAL B 150 21.17 21.25 30.41
N ASP B 151 21.48 22.50 30.79
CA ASP B 151 22.76 22.86 31.38
C ASP B 151 23.92 22.45 30.47
N ASN B 152 23.74 22.65 29.16
CA ASN B 152 24.71 22.28 28.12
C ASN B 152 24.88 20.78 27.95
N ALA B 153 23.95 19.98 28.47
CA ALA B 153 23.95 18.54 28.29
C ALA B 153 22.95 18.19 27.21
N LEU B 154 23.44 17.59 26.13
CA LEU B 154 22.59 17.32 24.98
C LEU B 154 21.57 16.24 25.33
N GLN B 155 20.29 16.61 25.31
CA GLN B 155 19.21 15.72 25.69
C GLN B 155 18.71 14.95 24.48
N SER B 156 18.69 13.62 24.58
CA SER B 156 18.04 12.80 23.57
C SER B 156 17.20 11.72 24.23
N GLY B 157 16.14 11.32 23.53
CA GLY B 157 15.26 10.25 23.97
C GLY B 157 14.08 10.69 24.81
N ASN B 158 13.94 11.99 25.08
CA ASN B 158 12.80 12.54 25.78
C ASN B 158 12.21 13.72 25.00
N SER B 159 12.41 13.68 23.67
CA SER B 159 11.95 14.80 22.81
C SER B 159 11.09 14.28 21.65
N GLN B 160 9.80 14.65 21.62
CA GLN B 160 8.89 14.27 20.54
C GLN B 160 8.60 15.50 19.69
N GLU B 161 8.59 15.31 18.37
CA GLU B 161 8.45 16.40 17.42
C GLU B 161 7.17 16.23 16.59
N SER B 162 6.76 17.32 15.96
CA SER B 162 5.56 17.35 15.14
C SER B 162 5.68 18.49 14.14
N VAL B 163 5.15 18.27 12.94
CA VAL B 163 5.30 19.21 11.84
C VAL B 163 3.99 19.33 11.10
N THR B 164 3.69 20.54 10.63
CA THR B 164 2.48 20.81 9.87
C THR B 164 2.68 20.45 8.39
N GLU B 165 1.59 20.46 7.65
CA GLU B 165 1.74 20.36 6.21
C GLU B 165 2.09 21.72 5.62
N GLN B 166 2.48 21.73 4.35
CA GLN B 166 2.78 23.00 3.69
C GLN B 166 1.58 23.92 3.75
N ASP B 167 1.80 25.13 4.25
CA ASP B 167 0.72 26.10 4.36
C ASP B 167 0.13 26.39 2.98
N SER B 168 -1.20 26.54 2.94
CA SER B 168 -1.89 26.84 1.69
C SER B 168 -1.59 28.23 1.14
N LYS B 169 -0.81 29.07 1.83
CA LYS B 169 -0.53 30.42 1.35
C LYS B 169 0.95 30.63 1.03
N ASP B 170 1.84 30.50 2.02
CA ASP B 170 3.26 30.76 1.84
C ASP B 170 4.08 29.49 1.64
N SER B 171 3.45 28.32 1.71
CA SER B 171 4.09 27.02 1.44
C SER B 171 5.27 26.77 2.38
N THR B 172 5.11 27.11 3.65
CA THR B 172 6.14 26.83 4.65
C THR B 172 5.65 25.77 5.63
N TYR B 173 6.60 25.24 6.39
CA TYR B 173 6.33 24.30 7.46
C TYR B 173 6.51 24.99 8.80
N SER B 174 5.95 24.38 9.84
CA SER B 174 6.23 24.79 11.21
C SER B 174 6.38 23.53 12.04
N LEU B 175 7.26 23.58 13.03
CA LEU B 175 7.65 22.39 13.78
C LEU B 175 7.63 22.67 15.27
N SER B 176 7.08 21.72 16.04
CA SER B 176 7.06 21.81 17.49
C SER B 176 7.79 20.60 18.07
N SER B 177 8.85 20.87 18.83
CA SER B 177 9.52 19.84 19.61
C SER B 177 9.15 20.04 21.07
N THR B 178 8.66 18.98 21.71
CA THR B 178 8.26 19.03 23.11
C THR B 178 9.21 18.15 23.91
N LEU B 179 9.86 18.74 24.92
CA LEU B 179 10.71 18.02 25.85
C LEU B 179 9.92 17.76 27.12
N THR B 180 9.81 16.49 27.51
CA THR B 180 9.04 16.12 28.67
C THR B 180 9.98 15.64 29.77
N LEU B 181 9.71 16.10 30.99
CA LEU B 181 10.60 15.92 32.12
C LEU B 181 9.76 15.86 33.39
N SER B 182 10.20 15.06 34.35
CA SER B 182 9.52 15.05 35.63
C SER B 182 9.81 16.35 36.38
N LYS B 183 8.89 16.72 37.29
CA LYS B 183 9.08 17.94 38.08
C LYS B 183 10.40 17.91 38.84
N ALA B 184 10.73 16.77 39.46
CA ALA B 184 12.00 16.64 40.17
C ALA B 184 13.18 16.88 39.24
N ASP B 185 13.20 16.18 38.09
CA ASP B 185 14.28 16.38 37.13
C ASP B 185 14.30 17.82 36.63
N TYR B 186 13.13 18.44 36.47
CA TYR B 186 13.08 19.81 35.98
C TYR B 186 13.77 20.76 36.96
N GLU B 187 13.50 20.61 38.25
CA GLU B 187 14.06 21.48 39.27
C GLU B 187 15.51 21.14 39.61
N LYS B 188 16.11 20.14 38.96
CA LYS B 188 17.50 19.79 39.19
C LYS B 188 18.47 20.60 38.32
N HIS B 189 17.96 21.45 37.43
CA HIS B 189 18.75 22.09 36.40
C HIS B 189 18.31 23.53 36.22
N LYS B 190 19.17 24.33 35.60
CA LYS B 190 18.95 25.77 35.48
C LYS B 190 18.69 26.21 34.04
N VAL B 191 19.63 26.00 33.12
CA VAL B 191 19.51 26.54 31.77
C VAL B 191 18.84 25.52 30.87
N TYR B 192 17.73 25.92 30.24
CA TYR B 192 17.02 25.10 29.26
C TYR B 192 17.13 25.80 27.91
N ALA B 193 17.71 25.09 26.93
CA ALA B 193 18.01 25.68 25.63
C ALA B 193 17.49 24.83 24.49
N CYS B 194 17.11 25.51 23.42
CA CYS B 194 16.66 24.89 22.17
C CYS B 194 17.55 25.39 21.04
N GLU B 195 18.41 24.52 20.50
CA GLU B 195 19.31 24.90 19.42
C GLU B 195 18.78 24.38 18.10
N VAL B 196 18.67 25.27 17.11
CA VAL B 196 18.05 24.98 15.82
C VAL B 196 19.09 25.14 14.71
N THR B 197 19.24 24.10 13.89
CA THR B 197 20.14 24.11 12.75
C THR B 197 19.31 23.99 11.47
N HIS B 198 19.40 25.00 10.61
CA HIS B 198 18.57 25.07 9.42
C HIS B 198 19.35 25.77 8.30
N GLN B 199 19.03 25.37 7.07
CA GLN B 199 19.75 25.85 5.89
C GLN B 199 19.71 27.37 5.78
N GLY B 200 18.56 27.98 6.09
CA GLY B 200 18.38 29.41 6.05
C GLY B 200 19.06 30.18 7.14
N LEU B 201 19.70 29.51 8.10
CA LEU B 201 20.47 30.16 9.15
C LEU B 201 21.96 29.94 8.89
N SER B 202 22.72 31.03 8.84
CA SER B 202 24.16 30.92 8.63
C SER B 202 24.83 30.22 9.81
N SER B 203 24.30 30.40 11.01
CA SER B 203 24.77 29.75 12.22
C SER B 203 23.58 29.20 12.98
N PRO B 204 23.78 28.13 13.75
CA PRO B 204 22.68 27.60 14.58
C PRO B 204 22.24 28.60 15.64
N VAL B 205 20.95 28.92 15.65
CA VAL B 205 20.38 29.85 16.61
C VAL B 205 19.87 29.09 17.82
N THR B 206 20.02 29.70 19.00
CA THR B 206 19.68 29.07 20.28
C THR B 206 18.76 29.99 21.07
N LYS B 207 17.58 29.50 21.40
CA LYS B 207 16.66 30.22 22.27
C LYS B 207 16.62 29.48 23.61
N SER B 208 16.76 30.23 24.70
CA SER B 208 16.93 29.60 26.00
C SER B 208 16.21 30.41 27.07
N PHE B 209 16.15 29.85 28.28
CA PHE B 209 15.63 30.55 29.44
C PHE B 209 16.21 29.91 30.69
N ASN B 210 16.09 30.60 31.81
CA ASN B 210 16.59 30.12 33.09
C ASN B 210 15.40 29.86 34.00
N ARG B 211 15.32 28.64 34.55
CA ARG B 211 14.25 28.25 35.45
C ARG B 211 14.13 29.35 36.50
N GLY B 212 12.93 29.93 36.63
CA GLY B 212 12.65 30.95 37.63
C GLY B 212 12.70 32.41 37.24
N GLU B 213 13.12 32.75 36.02
CA GLU B 213 13.31 34.15 35.65
C GLU B 213 12.27 34.65 34.62
N ASN C 13 1.00 -51.74 -25.88
CA ASN C 13 -0.35 -52.12 -26.25
C ASN C 13 -1.41 -51.51 -25.31
N LEU C 14 -1.01 -51.11 -24.10
CA LEU C 14 -1.99 -50.54 -23.12
C LEU C 14 -1.95 -49.01 -23.14
N CYS C 15 -1.18 -48.40 -24.05
CA CYS C 15 -1.00 -46.91 -24.16
C CYS C 15 0.08 -46.47 -23.15
N PRO C 16 0.74 -45.31 -23.33
CA PRO C 16 1.70 -44.82 -22.33
C PRO C 16 1.14 -43.64 -21.53
N PHE C 17 -0.11 -43.71 -21.05
CA PHE C 17 -0.63 -42.54 -20.34
C PHE C 17 0.17 -42.24 -19.09
N GLY C 18 0.74 -43.28 -18.47
CA GLY C 18 1.61 -43.05 -17.32
C GLY C 18 2.71 -42.05 -17.60
N GLU C 19 3.33 -42.15 -18.78
CA GLU C 19 4.45 -41.27 -19.10
C GLU C 19 4.04 -39.81 -19.18
N VAL C 20 2.75 -39.52 -19.34
CA VAL C 20 2.27 -38.15 -19.43
C VAL C 20 1.81 -37.67 -18.06
N PHE C 21 0.80 -38.34 -17.49
CA PHE C 21 0.22 -37.90 -16.22
C PHE C 21 1.24 -38.00 -15.08
N ASN C 22 1.86 -39.17 -14.93
CA ASN C 22 2.86 -39.42 -13.89
C ASN C 22 4.22 -38.76 -14.16
N ALA C 23 4.40 -38.04 -15.27
CA ALA C 23 5.74 -37.60 -15.67
C ALA C 23 6.40 -36.81 -14.55
N THR C 24 7.68 -37.09 -14.33
CA THR C 24 8.38 -36.48 -13.21
C THR C 24 8.50 -34.98 -13.39
N ARG C 25 8.70 -34.51 -14.63
CA ARG C 25 8.77 -33.10 -14.93
C ARG C 25 7.71 -32.71 -15.94
N PHE C 26 7.16 -31.51 -15.81
CA PHE C 26 6.16 -30.99 -16.73
C PHE C 26 6.72 -29.76 -17.44
N ALA C 27 6.09 -29.42 -18.55
CA ALA C 27 6.57 -28.33 -19.37
C ALA C 27 5.97 -26.99 -18.96
N SER C 28 6.74 -25.93 -19.18
CA SER C 28 6.20 -24.59 -19.15
C SER C 28 5.08 -24.47 -20.18
N VAL C 29 4.05 -23.69 -19.85
CA VAL C 29 2.88 -23.63 -20.71
C VAL C 29 3.23 -23.03 -22.07
N TYR C 30 4.13 -22.05 -22.11
CA TYR C 30 4.44 -21.45 -23.39
C TYR C 30 5.11 -22.45 -24.32
N ALA C 31 5.92 -23.34 -23.76
CA ALA C 31 6.53 -24.42 -24.53
C ALA C 31 5.83 -25.74 -24.23
N TRP C 32 4.51 -25.78 -24.39
CA TRP C 32 3.74 -26.97 -24.03
C TRP C 32 4.19 -28.20 -24.81
N ASN C 33 4.22 -29.34 -24.12
CA ASN C 33 4.64 -30.60 -24.71
C ASN C 33 3.46 -31.30 -25.36
N ARG C 34 3.74 -31.90 -26.53
CA ARG C 34 2.69 -32.65 -27.28
C ARG C 34 3.18 -34.08 -27.53
N LYS C 35 2.44 -35.08 -27.07
CA LYS C 35 2.75 -36.49 -27.25
C LYS C 35 1.75 -37.09 -28.22
N ARG C 36 2.25 -37.76 -29.25
CA ARG C 36 1.41 -38.52 -30.15
C ARG C 36 1.11 -39.88 -29.51
N ILE C 37 -0.11 -40.38 -29.77
CA ILE C 37 -0.55 -41.69 -29.19
C ILE C 37 -1.20 -42.51 -30.31
N SER C 38 -0.72 -43.73 -30.55
CA SER C 38 -1.23 -44.61 -31.59
C SER C 38 -0.98 -46.06 -31.19
N ASN C 39 -1.72 -47.00 -31.79
CA ASN C 39 -1.66 -48.41 -31.29
C ASN C 39 -2.04 -48.31 -29.82
N CYS C 40 -3.16 -47.66 -29.50
CA CYS C 40 -3.55 -47.36 -28.10
C CYS C 40 -4.82 -48.10 -27.68
N VAL C 41 -4.78 -48.85 -26.58
CA VAL C 41 -6.01 -49.48 -26.01
C VAL C 41 -6.14 -48.87 -24.61
N ALA C 42 -7.06 -47.92 -24.40
CA ALA C 42 -7.09 -47.18 -23.14
C ALA C 42 -8.50 -47.14 -22.57
N ASP C 43 -8.59 -47.33 -21.26
CA ASP C 43 -9.83 -47.14 -20.50
C ASP C 43 -9.90 -45.65 -20.16
N TYR C 44 -10.81 -44.93 -20.81
CA TYR C 44 -11.01 -43.51 -20.49
C TYR C 44 -11.96 -43.30 -19.33
N SER C 45 -12.83 -44.28 -19.06
CA SER C 45 -13.74 -44.17 -17.90
C SER C 45 -12.93 -44.24 -16.59
N VAL C 46 -11.83 -45.00 -16.58
CA VAL C 46 -11.06 -45.15 -15.36
C VAL C 46 -10.38 -43.84 -14.98
N LEU C 47 -10.06 -43.01 -15.97
CA LEU C 47 -9.48 -41.70 -15.70
C LEU C 47 -10.54 -40.73 -15.22
N TYR C 48 -11.70 -40.70 -15.91
CA TYR C 48 -12.77 -39.78 -15.56
C TYR C 48 -13.25 -40.00 -14.12
N ASN C 49 -13.12 -41.22 -13.60
CA ASN C 49 -13.60 -41.51 -12.26
C ASN C 49 -12.52 -41.35 -11.18
N SER C 50 -11.32 -40.94 -11.55
CA SER C 50 -10.24 -40.83 -10.59
C SER C 50 -10.36 -39.52 -9.82
N ALA C 51 -10.50 -39.62 -8.49
CA ALA C 51 -10.52 -38.45 -7.63
C ALA C 51 -9.21 -37.65 -7.68
N SER C 52 -8.15 -38.20 -8.29
CA SER C 52 -6.90 -37.43 -8.33
C SER C 52 -6.92 -36.31 -9.36
N PHE C 53 -8.01 -36.17 -10.11
CA PHE C 53 -8.17 -35.06 -11.06
C PHE C 53 -9.24 -34.13 -10.51
N SER C 54 -8.85 -32.90 -10.17
CA SER C 54 -9.84 -31.92 -9.76
C SER C 54 -10.71 -31.47 -10.93
N THR C 55 -10.15 -31.51 -12.14
CA THR C 55 -10.79 -31.02 -13.34
C THR C 55 -10.75 -32.11 -14.40
N PHE C 56 -11.91 -32.42 -14.98
CA PHE C 56 -11.99 -33.36 -16.10
C PHE C 56 -13.24 -32.99 -16.89
N LYS C 57 -13.06 -32.23 -17.97
CA LYS C 57 -14.19 -31.71 -18.75
C LYS C 57 -13.97 -32.08 -20.20
N CYS C 58 -14.95 -32.76 -20.78
CA CYS C 58 -14.90 -33.15 -22.19
C CYS C 58 -15.91 -32.32 -22.98
N TYR C 59 -15.39 -31.56 -23.95
CA TYR C 59 -16.23 -30.76 -24.84
C TYR C 59 -16.40 -31.48 -26.16
N GLY C 60 -17.66 -31.65 -26.57
CA GLY C 60 -17.95 -32.37 -27.84
C GLY C 60 -17.94 -33.89 -27.72
N VAL C 61 -16.76 -34.51 -27.66
CA VAL C 61 -16.67 -36.01 -27.67
C VAL C 61 -17.40 -36.63 -26.47
N SER C 62 -16.99 -36.33 -25.23
CA SER C 62 -17.59 -36.89 -23.98
C SER C 62 -16.89 -38.21 -23.60
N PRO C 63 -16.87 -38.62 -22.32
CA PRO C 63 -16.15 -39.83 -21.89
C PRO C 63 -16.80 -41.15 -22.38
N THR C 64 -16.06 -41.94 -23.17
CA THR C 64 -16.58 -43.24 -23.69
C THR C 64 -15.37 -44.00 -24.24
N LYS C 65 -15.31 -45.33 -24.09
CA LYS C 65 -14.08 -46.00 -24.58
C LYS C 65 -14.39 -46.99 -25.72
N LEU C 66 -15.66 -47.15 -26.09
CA LEU C 66 -15.93 -48.04 -27.21
C LEU C 66 -15.58 -47.43 -28.55
N ASN C 67 -14.99 -46.22 -28.57
CA ASN C 67 -14.69 -45.53 -29.83
C ASN C 67 -13.37 -45.93 -30.49
N ASP C 68 -13.43 -47.05 -31.20
CA ASP C 68 -12.42 -47.53 -32.17
C ASP C 68 -11.09 -47.99 -31.58
N LEU C 69 -11.03 -48.35 -30.28
CA LEU C 69 -9.79 -48.59 -29.54
C LEU C 69 -9.04 -47.28 -29.34
N CYS C 70 -8.61 -46.66 -30.46
CA CYS C 70 -7.97 -45.32 -30.43
C CYS C 70 -8.27 -44.64 -31.76
N PHE C 71 -8.39 -43.30 -31.77
CA PHE C 71 -8.61 -42.54 -33.02
C PHE C 71 -7.34 -42.59 -33.88
N THR C 72 -7.32 -41.86 -35.00
CA THR C 72 -6.15 -41.95 -35.92
C THR C 72 -4.88 -41.48 -35.20
N ASN C 73 -4.96 -40.36 -34.46
CA ASN C 73 -3.78 -39.83 -33.72
C ASN C 73 -4.24 -39.06 -32.49
N VAL C 74 -4.26 -39.71 -31.32
CA VAL C 74 -4.65 -39.05 -30.09
C VAL C 74 -3.47 -38.21 -29.61
N TYR C 75 -3.68 -36.90 -29.49
CA TYR C 75 -2.64 -35.98 -29.02
C TYR C 75 -2.85 -35.70 -27.53
N ALA C 76 -1.77 -35.76 -26.76
CA ALA C 76 -1.79 -35.41 -25.33
C ALA C 76 -0.89 -34.21 -25.08
N ASP C 77 -1.52 -33.04 -24.91
CA ASP C 77 -0.75 -31.81 -24.60
C ASP C 77 -0.67 -31.65 -23.09
N SER C 78 0.50 -31.31 -22.54
CA SER C 78 0.71 -31.20 -21.11
C SER C 78 1.51 -29.95 -20.81
N PHE C 79 1.32 -29.42 -19.61
CA PHE C 79 2.00 -28.22 -19.16
C PHE C 79 1.52 -27.87 -17.76
N VAL C 80 2.06 -26.80 -17.21
CA VAL C 80 1.70 -26.34 -15.88
C VAL C 80 1.26 -24.89 -15.98
N ILE C 81 0.14 -24.57 -15.32
CA ILE C 81 -0.31 -23.20 -15.12
C ILE C 81 -0.68 -23.05 -13.65
N ARG C 82 -1.36 -21.95 -13.31
CA ARG C 82 -1.82 -21.73 -11.91
C ARG C 82 -3.30 -22.10 -11.79
N GLY C 83 -3.87 -22.01 -10.59
CA GLY C 83 -5.27 -22.43 -10.37
C GLY C 83 -6.29 -21.57 -11.10
N ASP C 84 -6.19 -20.25 -10.99
CA ASP C 84 -7.21 -19.38 -11.57
C ASP C 84 -7.24 -19.43 -13.09
N GLU C 85 -6.20 -20.03 -13.70
CA GLU C 85 -6.10 -20.03 -15.18
C GLU C 85 -6.63 -21.35 -15.77
N VAL C 86 -6.97 -22.31 -14.92
CA VAL C 86 -7.44 -23.60 -15.42
C VAL C 86 -8.69 -23.41 -16.27
N ARG C 87 -9.56 -22.48 -15.86
CA ARG C 87 -10.78 -22.24 -16.62
C ARG C 87 -10.50 -21.74 -18.03
N GLN C 88 -9.28 -21.30 -18.31
CA GLN C 88 -8.96 -20.77 -19.63
C GLN C 88 -8.64 -21.87 -20.63
N ILE C 89 -8.25 -23.06 -20.15
CA ILE C 89 -8.01 -24.20 -21.01
C ILE C 89 -9.37 -24.78 -21.39
N ALA C 90 -10.02 -24.13 -22.36
CA ALA C 90 -11.38 -24.44 -22.76
C ALA C 90 -11.72 -23.63 -24.00
N PRO C 91 -12.61 -24.14 -24.87
CA PRO C 91 -12.93 -23.38 -26.09
C PRO C 91 -13.58 -22.05 -25.76
N GLY C 92 -13.24 -21.05 -26.59
CA GLY C 92 -13.90 -19.76 -26.53
C GLY C 92 -13.54 -18.89 -25.35
N GLN C 93 -12.60 -19.31 -24.52
CA GLN C 93 -12.17 -18.53 -23.37
C GLN C 93 -11.16 -17.46 -23.78
N THR C 94 -11.18 -16.35 -23.06
CA THR C 94 -10.20 -15.29 -23.23
C THR C 94 -9.42 -15.12 -21.93
N GLY C 95 -8.13 -14.77 -22.07
CA GLY C 95 -7.23 -14.63 -20.94
C GLY C 95 -5.79 -14.72 -21.40
N LYS C 96 -4.88 -14.49 -20.45
CA LYS C 96 -3.46 -14.44 -20.79
C LYS C 96 -2.95 -15.79 -21.30
N ILE C 97 -3.42 -16.89 -20.71
CA ILE C 97 -3.01 -18.21 -21.17
C ILE C 97 -3.61 -18.51 -22.54
N ALA C 98 -4.89 -18.18 -22.75
CA ALA C 98 -5.55 -18.52 -24.01
C ALA C 98 -5.12 -17.59 -25.14
N ASP C 99 -4.75 -16.36 -24.82
CA ASP C 99 -4.32 -15.42 -25.85
C ASP C 99 -2.88 -15.66 -26.26
N TYR C 100 -1.99 -15.91 -25.29
CA TYR C 100 -0.56 -15.88 -25.52
C TYR C 100 0.17 -17.21 -25.34
N ASN C 101 -0.48 -18.26 -24.85
CA ASN C 101 0.29 -19.46 -24.52
C ASN C 101 -0.27 -20.75 -25.13
N TYR C 102 -1.56 -20.99 -24.96
CA TYR C 102 -2.18 -22.24 -25.42
C TYR C 102 -3.65 -21.99 -25.70
N LYS C 103 -4.05 -22.12 -26.96
CA LYS C 103 -5.44 -21.90 -27.37
C LYS C 103 -6.05 -23.21 -27.87
N LEU C 104 -7.33 -23.39 -27.59
CA LEU C 104 -8.12 -24.45 -28.16
C LEU C 104 -9.08 -23.88 -29.20
N PRO C 105 -9.36 -24.60 -30.28
CA PRO C 105 -10.30 -24.09 -31.27
C PRO C 105 -11.73 -24.11 -30.74
N ASP C 106 -12.61 -23.39 -31.43
CA ASP C 106 -14.04 -23.36 -31.01
C ASP C 106 -14.67 -24.73 -31.27
N ASP C 107 -14.25 -25.42 -32.34
CA ASP C 107 -14.86 -26.71 -32.65
C ASP C 107 -14.13 -27.83 -31.93
N PHE C 108 -13.60 -27.53 -30.74
CA PHE C 108 -12.77 -28.50 -30.03
C PHE C 108 -13.60 -29.68 -29.56
N THR C 109 -13.20 -30.88 -30.00
CA THR C 109 -13.85 -32.14 -29.55
C THR C 109 -12.77 -32.95 -28.81
N GLY C 110 -12.62 -32.75 -27.50
CA GLY C 110 -11.58 -33.38 -26.70
C GLY C 110 -11.83 -33.13 -25.23
N CYS C 111 -10.86 -33.54 -24.41
CA CYS C 111 -10.99 -33.48 -22.96
C CYS C 111 -9.86 -32.69 -22.33
N VAL C 112 -10.19 -32.00 -21.24
CA VAL C 112 -9.22 -31.20 -20.48
C VAL C 112 -9.20 -31.73 -19.05
N ILE C 113 -8.02 -32.18 -18.61
CA ILE C 113 -7.80 -32.76 -17.30
C ILE C 113 -6.80 -31.88 -16.56
N ALA C 114 -7.08 -31.63 -15.29
CA ALA C 114 -6.18 -30.82 -14.48
C ALA C 114 -6.17 -31.34 -13.05
N TRP C 115 -5.04 -31.12 -12.36
CA TRP C 115 -4.94 -31.45 -10.96
C TRP C 115 -3.93 -30.53 -10.26
N ASN C 116 -4.19 -30.26 -8.99
CA ASN C 116 -3.30 -29.44 -8.19
C ASN C 116 -1.97 -30.16 -7.98
N SER C 117 -0.87 -29.43 -8.15
CA SER C 117 0.47 -29.99 -8.03
C SER C 117 1.36 -29.12 -7.16
N ASN C 118 0.78 -28.56 -6.09
CA ASN C 118 1.56 -27.76 -5.14
C ASN C 118 2.71 -28.57 -4.53
N ASN C 119 2.49 -29.86 -4.29
CA ASN C 119 3.50 -30.70 -3.66
C ASN C 119 4.67 -31.03 -4.58
N LEU C 120 4.53 -30.83 -5.88
CA LEU C 120 5.58 -31.20 -6.83
C LEU C 120 6.26 -30.00 -7.47
N ASP C 121 5.56 -28.88 -7.66
CA ASP C 121 6.05 -27.77 -8.44
C ASP C 121 6.21 -26.48 -7.63
N SER C 122 6.32 -26.59 -6.31
CA SER C 122 6.43 -25.42 -5.44
C SER C 122 7.63 -25.61 -4.52
N LYS C 123 8.57 -24.65 -4.57
CA LYS C 123 9.71 -24.57 -3.66
C LYS C 123 9.42 -23.54 -2.57
N VAL C 124 10.13 -23.68 -1.45
CA VAL C 124 9.92 -22.77 -0.33
C VAL C 124 10.37 -21.35 -0.67
N GLY C 125 11.47 -21.23 -1.39
CA GLY C 125 11.82 -19.89 -1.84
C GLY C 125 11.27 -19.52 -3.20
N GLY C 126 10.39 -20.35 -3.79
CA GLY C 126 9.85 -20.09 -5.10
C GLY C 126 10.48 -20.88 -6.23
N ASN C 127 9.66 -21.65 -6.95
CA ASN C 127 10.11 -22.42 -8.09
C ASN C 127 10.00 -21.56 -9.35
N TYR C 128 11.14 -21.07 -9.85
CA TYR C 128 11.12 -20.16 -10.99
C TYR C 128 11.31 -20.88 -12.32
N ASN C 129 11.09 -22.20 -12.37
CA ASN C 129 11.34 -22.96 -13.58
C ASN C 129 10.16 -22.94 -14.55
N TYR C 130 8.93 -22.78 -14.06
CA TYR C 130 7.75 -22.74 -14.93
C TYR C 130 7.48 -21.32 -15.36
N LEU C 131 7.47 -21.11 -16.68
CA LEU C 131 7.29 -19.74 -17.22
C LEU C 131 6.09 -19.69 -18.18
N TYR C 132 5.58 -18.50 -18.44
CA TYR C 132 4.48 -18.27 -19.36
C TYR C 132 4.79 -17.01 -20.16
N ARG C 133 4.28 -16.97 -21.39
CA ARG C 133 4.46 -15.79 -22.22
C ARG C 133 3.61 -14.66 -21.65
N LEU C 134 4.24 -13.52 -21.38
CA LEU C 134 3.54 -12.38 -20.81
C LEU C 134 3.13 -11.36 -21.85
N PHE C 135 3.89 -11.25 -22.94
CA PHE C 135 3.60 -10.30 -23.99
C PHE C 135 3.57 -11.00 -25.33
N ARG C 136 2.69 -10.54 -26.21
CA ARG C 136 2.70 -10.98 -27.60
C ARG C 136 1.93 -9.96 -28.43
N LYS C 137 2.39 -9.71 -29.66
CA LYS C 137 1.75 -8.65 -30.50
C LYS C 137 0.39 -9.11 -31.03
N SER C 138 0.12 -10.43 -31.00
CA SER C 138 -1.13 -10.94 -31.55
C SER C 138 -1.55 -12.17 -30.77
N ASN C 139 -2.83 -12.49 -30.86
CA ASN C 139 -3.37 -13.68 -30.21
C ASN C 139 -2.89 -14.94 -30.92
N LEU C 140 -2.64 -15.99 -30.12
CA LEU C 140 -2.27 -17.28 -30.67
C LEU C 140 -3.39 -17.87 -31.52
N LYS C 141 -2.99 -18.63 -32.53
CA LYS C 141 -3.93 -19.49 -33.22
C LYS C 141 -4.11 -20.78 -32.42
N PRO C 142 -5.21 -21.50 -32.60
CA PRO C 142 -5.39 -22.72 -31.81
C PRO C 142 -4.29 -23.72 -32.12
N PHE C 143 -3.74 -24.31 -31.06
CA PHE C 143 -2.67 -25.30 -31.14
C PHE C 143 -1.36 -24.72 -31.66
N GLU C 144 -1.17 -23.41 -31.52
CA GLU C 144 0.09 -22.77 -31.84
C GLU C 144 1.00 -22.81 -30.63
N ARG C 145 2.31 -22.80 -30.88
CA ARG C 145 3.31 -22.91 -29.82
C ARG C 145 4.41 -21.92 -30.18
N ASP C 146 4.58 -20.89 -29.37
CA ASP C 146 5.53 -19.82 -29.65
C ASP C 146 6.67 -19.86 -28.65
N ILE C 147 7.88 -20.10 -29.15
CA ILE C 147 9.09 -20.19 -28.33
C ILE C 147 9.95 -18.94 -28.45
N SER C 148 9.43 -17.90 -29.12
CA SER C 148 10.23 -16.72 -29.42
C SER C 148 10.62 -16.03 -28.11
N THR C 149 11.93 -15.82 -27.92
CA THR C 149 12.43 -14.98 -26.85
C THR C 149 12.75 -13.56 -27.33
N GLU C 150 12.04 -13.10 -28.34
CA GLU C 150 12.27 -11.75 -28.87
C GLU C 150 11.81 -10.69 -27.89
N ILE C 151 12.65 -9.67 -27.70
CA ILE C 151 12.34 -8.58 -26.78
C ILE C 151 11.09 -7.85 -27.25
N TYR C 152 10.08 -7.80 -26.38
CA TYR C 152 8.79 -7.22 -26.72
C TYR C 152 8.84 -5.71 -26.56
N GLN C 153 8.33 -5.01 -27.58
CA GLN C 153 8.29 -3.56 -27.59
C GLN C 153 6.92 -3.12 -27.06
N ALA C 154 6.90 -2.65 -25.81
CA ALA C 154 5.64 -2.23 -25.19
C ALA C 154 5.27 -0.79 -25.56
N GLY C 155 6.27 0.08 -25.69
CA GLY C 155 6.05 1.47 -26.02
C GLY C 155 6.24 1.74 -27.50
N SER C 156 6.39 3.01 -27.83
CA SER C 156 6.64 3.42 -29.20
C SER C 156 8.11 3.36 -29.59
N THR C 157 8.99 3.29 -28.57
CA THR C 157 10.45 3.24 -28.80
C THR C 157 10.86 1.82 -29.19
N PRO C 158 11.60 1.56 -30.30
CA PRO C 158 12.05 0.18 -30.60
C PRO C 158 13.02 -0.32 -29.53
N CYS C 159 13.31 -1.62 -29.61
CA CYS C 159 14.12 -2.33 -28.63
C CYS C 159 15.44 -2.80 -29.19
N ASN C 160 15.45 -3.24 -30.46
CA ASN C 160 16.63 -3.79 -31.11
C ASN C 160 17.25 -4.90 -30.27
N GLY C 161 16.41 -5.81 -29.79
CA GLY C 161 16.82 -6.94 -28.99
C GLY C 161 17.47 -6.60 -27.66
N VAL C 162 17.34 -5.36 -27.18
CA VAL C 162 17.93 -4.92 -25.92
C VAL C 162 16.80 -4.56 -24.96
N GLU C 163 16.82 -5.17 -23.77
CA GLU C 163 15.87 -4.82 -22.73
C GLU C 163 16.08 -3.39 -22.24
N GLY C 164 15.01 -2.79 -21.72
CA GLY C 164 15.08 -1.42 -21.25
C GLY C 164 13.69 -0.84 -21.10
N PHE C 165 13.60 0.49 -21.18
CA PHE C 165 12.34 1.19 -20.97
C PHE C 165 11.28 0.77 -21.99
N ASN C 166 10.23 0.08 -21.50
CA ASN C 166 9.12 -0.41 -22.33
C ASN C 166 9.61 -1.44 -23.34
N CYS C 167 10.55 -2.28 -22.87
CA CYS C 167 11.32 -3.22 -23.68
C CYS C 167 11.56 -4.46 -22.82
N TYR C 168 10.58 -5.34 -22.81
CA TYR C 168 10.56 -6.42 -21.84
C TYR C 168 11.05 -7.72 -22.45
N PHE C 169 11.55 -8.58 -21.57
CA PHE C 169 11.69 -9.98 -21.90
C PHE C 169 10.30 -10.62 -21.97
N PRO C 170 9.97 -11.34 -23.05
CA PRO C 170 8.57 -11.74 -23.27
C PRO C 170 8.05 -12.82 -22.32
N LEU C 171 8.90 -13.43 -21.49
CA LEU C 171 8.46 -14.51 -20.61
C LEU C 171 8.62 -14.11 -19.16
N GLN C 172 7.63 -14.47 -18.36
CA GLN C 172 7.59 -14.20 -16.94
C GLN C 172 7.50 -15.51 -16.18
N SER C 173 8.12 -15.58 -15.00
CA SER C 173 8.10 -16.80 -14.22
C SER C 173 6.96 -16.77 -13.21
N TYR C 174 6.39 -17.94 -12.95
CA TYR C 174 5.51 -18.10 -11.81
C TYR C 174 6.33 -18.17 -10.53
N GLY C 175 5.74 -17.71 -9.41
CA GLY C 175 6.42 -17.81 -8.10
C GLY C 175 6.27 -19.22 -7.55
N PHE C 176 5.04 -19.75 -7.53
CA PHE C 176 4.80 -21.16 -7.11
C PHE C 176 5.41 -21.48 -5.73
N GLN C 177 5.02 -20.73 -4.69
CA GLN C 177 5.48 -21.09 -3.32
C GLN C 177 4.38 -21.96 -2.67
N PRO C 178 4.61 -22.94 -1.75
CA PRO C 178 3.50 -23.72 -1.20
C PRO C 178 2.52 -22.86 -0.40
N THR C 179 3.00 -21.78 0.20
CA THR C 179 2.16 -20.85 0.97
C THR C 179 1.24 -20.01 0.08
N ASN C 180 1.36 -20.09 -1.24
CA ASN C 180 0.42 -19.37 -2.11
C ASN C 180 -0.99 -19.90 -1.93
N GLY C 181 -1.97 -19.04 -2.19
CA GLY C 181 -3.34 -19.49 -2.23
C GLY C 181 -3.58 -20.46 -3.36
N VAL C 182 -4.69 -21.20 -3.26
CA VAL C 182 -5.01 -22.22 -4.26
C VAL C 182 -5.09 -21.61 -5.66
N GLY C 183 -5.50 -20.35 -5.77
CA GLY C 183 -5.58 -19.73 -7.08
C GLY C 183 -4.22 -19.47 -7.69
N TYR C 184 -3.16 -19.41 -6.88
CA TYR C 184 -1.81 -19.12 -7.35
C TYR C 184 -0.88 -20.32 -7.13
N GLN C 185 -1.42 -21.50 -6.87
CA GLN C 185 -0.67 -22.74 -6.78
C GLN C 185 -0.57 -23.39 -8.16
N PRO C 186 0.44 -24.21 -8.39
CA PRO C 186 0.57 -24.84 -9.71
C PRO C 186 -0.50 -25.89 -9.93
N TYR C 187 -1.01 -25.95 -11.15
CA TYR C 187 -1.90 -27.02 -11.57
C TYR C 187 -1.34 -27.65 -12.85
N ARG C 188 -1.16 -28.97 -12.82
CA ARG C 188 -0.77 -29.72 -14.01
C ARG C 188 -1.98 -30.00 -14.89
N VAL C 189 -1.81 -29.82 -16.19
CA VAL C 189 -2.89 -29.88 -17.17
C VAL C 189 -2.50 -30.86 -18.26
N VAL C 190 -3.43 -31.72 -18.64
CA VAL C 190 -3.30 -32.59 -19.79
C VAL C 190 -4.52 -32.39 -20.67
N VAL C 191 -4.30 -32.11 -21.95
CA VAL C 191 -5.37 -31.92 -22.93
C VAL C 191 -5.28 -33.04 -23.98
N LEU C 192 -6.33 -33.86 -24.05
CA LEU C 192 -6.41 -34.96 -25.00
C LEU C 192 -7.28 -34.55 -26.18
N SER C 193 -6.68 -34.60 -27.37
CA SER C 193 -7.41 -34.30 -28.63
C SER C 193 -7.51 -35.59 -29.44
N PHE C 194 -8.61 -35.79 -30.17
CA PHE C 194 -8.86 -36.97 -30.97
C PHE C 194 -9.09 -36.55 -32.41
N GLU C 195 -8.28 -37.07 -33.32
CA GLU C 195 -8.42 -36.73 -34.74
C GLU C 195 -8.70 -38.00 -35.54
N LEU C 196 -9.54 -37.87 -36.57
CA LEU C 196 -9.82 -38.98 -37.47
C LEU C 196 -9.31 -38.64 -38.87
N ALA C 201 -7.76 -42.14 -43.67
CA ALA C 201 -6.49 -42.79 -43.38
C ALA C 201 -6.69 -44.19 -42.81
N THR C 202 -6.12 -44.43 -41.62
CA THR C 202 -6.30 -45.68 -40.90
C THR C 202 -6.67 -45.34 -39.47
N VAL C 203 -7.07 -46.37 -38.72
CA VAL C 203 -7.41 -46.21 -37.32
C VAL C 203 -6.65 -47.27 -36.53
N CYS C 204 -6.09 -46.87 -35.40
CA CYS C 204 -5.42 -47.82 -34.53
C CYS C 204 -6.41 -48.39 -33.48
#